data_1SQ4
#
_entry.id   1SQ4
#
_cell.length_a   106.860
_cell.length_b   106.860
_cell.length_c   107.446
_cell.angle_alpha   90.00
_cell.angle_beta   90.00
_cell.angle_gamma   90.00
#
_symmetry.space_group_name_H-M   'P 4 21 2'
#
loop_
_entity.id
_entity.type
_entity.pdbx_description
1 polymer 'Glyoxylate-induced Protein'
2 non-polymer 'THIOCYANATE ION'
3 water water
#
_entity_poly.entity_id   1
_entity_poly.type   'polypeptide(L)'
_entity_poly.pdbx_seq_one_letter_code
;(MSE)SKSSYYAPHGGHPAQTELLTDRA(MSE)FTEAYAVIPKGV(MSE)RDIVTSHLPFWDN(MSE)R(MSE)WVIARP
LSGFAETFSQYIVELAPNGGSDKPEQDPNAEAVLFVVEGELSLTLQGQVHA(MSE)QPGGYAFIPPGADYKVRNTTGQHT
RFHWIRKHYQKVDGVPLPEAFVTNEQDIQPLV(MSE)PDTEGRWSTTRFVD(MSE)SD(MSE)RHD(MSE)HVNIVNFEP
GGVIPFAETHV(MSE)EHGLYVLEGKAVYRLNQDWVEVEAGDF(MSE)WLRAFCPQACYSGGPGRFRYLLYKDVNRH
(MSE)RLTLNAPH
;
_entity_poly.pdbx_strand_id   A,B
#
# COMPACT_ATOMS: atom_id res chain seq x y z
N LYS A 3 20.10 -18.28 0.50
CA LYS A 3 20.94 -17.21 1.10
C LYS A 3 20.25 -15.85 0.96
N SER A 4 20.57 -14.89 1.83
CA SER A 4 19.96 -13.56 1.79
C SER A 4 20.68 -12.60 0.84
N SER A 5 19.91 -11.70 0.24
CA SER A 5 20.46 -10.72 -0.69
C SER A 5 20.43 -9.34 -0.07
N TYR A 6 21.31 -8.46 -0.55
CA TYR A 6 21.36 -7.11 -0.04
C TYR A 6 21.67 -6.15 -1.18
N TYR A 7 20.95 -5.04 -1.23
CA TYR A 7 21.18 -4.08 -2.27
C TYR A 7 22.44 -3.28 -1.97
N ALA A 8 23.16 -2.92 -3.03
CA ALA A 8 24.39 -2.14 -2.91
C ALA A 8 24.53 -1.20 -4.10
N PRO A 9 24.73 0.11 -3.83
CA PRO A 9 24.89 1.12 -4.87
C PRO A 9 26.07 0.77 -5.74
N HIS A 10 26.01 1.23 -6.98
CA HIS A 10 27.09 0.99 -7.93
C HIS A 10 27.46 2.30 -8.61
N GLY A 11 26.64 3.33 -8.39
CA GLY A 11 26.91 4.62 -8.98
C GLY A 11 26.42 4.77 -10.41
N GLY A 12 27.35 5.05 -11.32
CA GLY A 12 27.00 5.23 -12.71
C GLY A 12 26.22 6.51 -12.88
N HIS A 13 25.70 6.75 -14.08
CA HIS A 13 24.89 7.94 -14.34
C HIS A 13 23.84 7.65 -15.41
N PRO A 14 22.95 6.69 -15.12
CA PRO A 14 21.88 6.32 -16.08
C PRO A 14 21.00 7.51 -16.44
N ALA A 15 20.53 7.57 -17.68
CA ALA A 15 19.67 8.67 -18.11
C ALA A 15 18.21 8.25 -18.00
N LEU A 19 10.06 10.61 -18.98
CA LEU A 19 9.87 11.75 -18.10
C LEU A 19 9.18 11.36 -16.81
N LEU A 20 9.87 11.62 -15.71
CA LEU A 20 9.35 11.31 -14.39
C LEU A 20 10.02 12.20 -13.33
N THR A 21 9.26 12.50 -12.27
CA THR A 21 9.74 13.33 -11.17
C THR A 21 10.63 12.55 -10.22
N ASP A 22 10.24 12.44 -8.95
CA ASP A 22 11.06 11.70 -7.99
C ASP A 22 10.36 11.49 -6.65
N ARG A 23 10.63 10.34 -6.05
CA ARG A 23 10.01 9.99 -4.79
C ARG A 23 10.66 10.64 -3.56
N ALA A 24 11.64 11.51 -3.78
CA ALA A 24 12.33 12.21 -2.69
C ALA A 24 11.35 13.12 -1.94
N PHE A 26 10.53 15.53 1.82
CA PHE A 26 11.06 16.24 2.97
C PHE A 26 9.87 16.91 3.65
N THR A 27 9.43 16.36 4.77
CA THR A 27 8.29 16.95 5.47
C THR A 27 8.72 17.37 6.87
N GLU A 28 7.76 17.66 7.73
CA GLU A 28 8.13 18.09 9.06
C GLU A 28 8.22 16.91 10.01
N ALA A 29 7.96 15.72 9.49
CA ALA A 29 7.97 14.51 10.30
C ALA A 29 8.89 13.44 9.72
N TYR A 30 9.18 13.55 8.43
CA TYR A 30 10.01 12.55 7.82
C TYR A 30 10.67 13.02 6.53
N ALA A 31 11.55 12.17 6.03
CA ALA A 31 12.29 12.41 4.79
C ALA A 31 12.54 11.07 4.10
N VAL A 32 12.19 10.98 2.82
CA VAL A 32 12.42 9.77 2.05
C VAL A 32 13.48 10.09 1.01
N ILE A 33 14.51 9.26 0.95
CA ILE A 33 15.58 9.46 -0.03
C ILE A 33 15.73 8.21 -0.91
N PRO A 34 15.38 8.34 -2.20
CA PRO A 34 15.46 7.26 -3.19
C PRO A 34 16.88 6.81 -3.46
N LYS A 35 17.00 5.58 -3.93
CA LYS A 35 18.30 5.03 -4.25
C LYS A 35 18.96 5.78 -5.41
N GLY A 36 18.15 6.44 -6.24
CA GLY A 36 18.67 7.17 -7.39
C GLY A 36 19.55 8.35 -7.09
N VAL A 37 19.75 8.64 -5.81
CA VAL A 37 20.57 9.76 -5.43
C VAL A 37 22.05 9.36 -5.51
N ARG A 39 24.76 8.73 -6.95
CA ARG A 39 25.41 8.81 -8.26
C ARG A 39 26.91 8.85 -8.08
N ASP A 40 27.62 8.80 -9.20
CA ASP A 40 29.07 8.84 -9.13
C ASP A 40 29.62 10.19 -8.72
N ILE A 41 29.18 11.25 -9.39
CA ILE A 41 29.69 12.60 -9.08
C ILE A 41 29.25 13.18 -7.76
N VAL A 42 28.63 12.36 -6.92
CA VAL A 42 28.17 12.89 -5.66
C VAL A 42 28.81 12.13 -4.49
N THR A 43 29.79 11.28 -4.81
CA THR A 43 30.50 10.49 -3.81
C THR A 43 31.45 11.35 -2.98
N SER A 44 31.87 10.84 -1.83
CA SER A 44 32.77 11.56 -0.93
C SER A 44 34.05 10.79 -0.63
N HIS A 45 34.94 11.42 0.13
CA HIS A 45 36.22 10.81 0.44
C HIS A 45 36.72 11.09 1.87
N LEU A 46 37.64 10.25 2.33
CA LEU A 46 38.21 10.43 3.67
C LEU A 46 39.73 10.29 3.62
N PRO A 47 40.43 11.02 4.50
CA PRO A 47 41.89 10.96 4.55
C PRO A 47 42.35 9.58 4.90
N PHE A 48 43.49 9.21 4.35
CA PHE A 48 44.08 7.92 4.67
C PHE A 48 43.32 6.72 4.10
N TRP A 49 42.54 6.93 3.04
CA TRP A 49 41.83 5.80 2.45
C TRP A 49 42.26 5.56 1.02
N ASP A 50 42.68 4.33 0.72
CA ASP A 50 43.12 3.96 -0.61
C ASP A 50 41.99 3.30 -1.37
N ASN A 51 41.84 3.70 -2.62
CA ASN A 51 40.81 3.18 -3.51
C ASN A 51 39.44 3.11 -2.89
N ARG A 53 35.52 5.09 -2.24
CA ARG A 53 34.50 6.06 -2.64
C ARG A 53 33.30 5.69 -1.76
N TRP A 55 29.08 6.92 -0.32
CA TRP A 55 27.89 7.72 -0.43
C TRP A 55 27.50 8.11 0.96
N VAL A 56 27.40 9.41 1.21
CA VAL A 56 27.06 9.90 2.54
C VAL A 56 25.55 10.01 2.70
N ILE A 57 25.08 9.77 3.92
CA ILE A 57 23.66 9.85 4.24
C ILE A 57 23.54 10.29 5.69
N ALA A 58 23.56 11.60 5.90
CA ALA A 58 23.45 12.17 7.22
C ALA A 58 22.60 13.43 7.11
N ARG A 59 22.17 13.99 8.24
CA ARG A 59 21.34 15.19 8.24
C ARG A 59 20.21 15.17 7.20
N PRO A 60 19.41 14.10 7.16
CA PRO A 60 18.33 14.01 6.18
C PRO A 60 17.39 15.20 6.26
N LEU A 61 17.19 15.68 7.49
CA LEU A 61 16.30 16.80 7.75
C LEU A 61 16.94 17.71 8.77
N SER A 62 16.53 18.97 8.77
CA SER A 62 17.10 19.94 9.70
C SER A 62 16.75 19.60 11.14
N GLY A 63 17.42 20.29 12.07
CA GLY A 63 17.14 20.06 13.47
C GLY A 63 17.98 18.99 14.13
N PHE A 64 17.35 18.24 15.05
CA PHE A 64 18.05 17.19 15.78
C PHE A 64 18.30 15.97 14.91
N ALA A 65 19.32 16.08 14.06
CA ALA A 65 19.69 15.00 13.15
C ALA A 65 21.19 14.96 12.93
N GLU A 66 21.95 15.08 14.01
CA GLU A 66 23.40 15.03 13.91
C GLU A 66 23.91 13.98 14.86
N THR A 67 23.04 13.08 15.29
CA THR A 67 23.47 12.04 16.22
C THR A 67 24.22 10.94 15.48
N PHE A 68 23.67 10.51 14.35
CA PHE A 68 24.28 9.43 13.60
C PHE A 68 24.84 9.90 12.27
N SER A 69 25.72 9.08 11.73
CA SER A 69 26.32 9.35 10.43
C SER A 69 26.39 7.97 9.79
N GLN A 70 26.00 7.89 8.53
CA GLN A 70 26.00 6.63 7.82
C GLN A 70 26.70 6.80 6.48
N TYR A 71 27.57 5.86 6.13
CA TYR A 71 28.24 5.94 4.85
C TYR A 71 28.10 4.60 4.14
N ILE A 72 28.16 4.60 2.83
CA ILE A 72 28.09 3.36 2.07
C ILE A 72 29.38 3.37 1.27
N VAL A 73 30.36 2.66 1.81
CA VAL A 73 31.70 2.59 1.24
C VAL A 73 31.97 1.51 0.21
N GLU A 74 32.60 1.91 -0.87
CA GLU A 74 32.95 1.00 -1.95
C GLU A 74 34.47 0.94 -2.03
N LEU A 75 35.02 -0.22 -1.75
CA LEU A 75 36.47 -0.39 -1.83
C LEU A 75 36.80 -1.19 -3.06
N ALA A 76 37.73 -0.68 -3.83
CA ALA A 76 38.18 -1.36 -5.02
C ALA A 76 39.22 -2.34 -4.52
N PRO A 77 39.62 -3.28 -5.37
CA PRO A 77 40.61 -4.23 -4.90
C PRO A 77 41.80 -3.51 -4.29
N ASN A 78 42.27 -4.05 -3.15
CA ASN A 78 43.41 -3.51 -2.43
C ASN A 78 43.07 -2.21 -1.71
N GLY A 79 41.80 -1.85 -1.70
CA GLY A 79 41.37 -0.63 -1.04
C GLY A 79 41.17 -0.79 0.46
N GLY A 80 41.07 0.33 1.16
CA GLY A 80 40.88 0.30 2.61
C GLY A 80 41.71 1.35 3.34
N SER A 81 42.07 1.08 4.59
CA SER A 81 42.85 2.02 5.41
C SER A 81 43.44 1.47 6.72
N ASP A 82 44.57 2.02 7.14
CA ASP A 82 45.18 1.58 8.40
C ASP A 82 44.91 2.56 9.53
N LYS A 83 44.20 3.64 9.19
CA LYS A 83 43.82 4.67 10.15
C LYS A 83 42.44 5.09 9.69
N PRO A 84 41.48 4.16 9.72
CA PRO A 84 40.09 4.39 9.30
C PRO A 84 39.33 5.46 10.09
N GLU A 85 39.41 5.40 11.41
CA GLU A 85 38.71 6.38 12.25
C GLU A 85 39.68 7.39 12.86
N GLN A 86 39.32 8.67 12.83
CA GLN A 86 40.15 9.72 13.39
C GLN A 86 39.59 10.23 14.70
N ASP A 87 38.31 9.95 14.92
CA ASP A 87 37.60 10.39 16.11
C ASP A 87 37.64 9.34 17.21
N PRO A 88 38.32 9.66 18.32
CA PRO A 88 38.46 8.76 19.47
C PRO A 88 37.15 8.42 20.18
N ASN A 89 36.13 9.24 20.02
CA ASN A 89 34.86 8.98 20.69
C ASN A 89 33.85 8.32 19.77
N ALA A 90 34.22 8.15 18.50
CA ALA A 90 33.32 7.52 17.55
C ALA A 90 33.22 6.01 17.70
N GLU A 91 32.00 5.52 17.80
CA GLU A 91 31.77 4.08 17.88
C GLU A 91 31.21 3.75 16.50
N ALA A 92 31.25 2.49 16.10
CA ALA A 92 30.75 2.13 14.78
C ALA A 92 30.14 0.74 14.64
N VAL A 93 29.53 0.53 13.49
CA VAL A 93 28.93 -0.73 13.13
C VAL A 93 29.18 -0.88 11.63
N LEU A 94 29.85 -1.96 11.26
CA LEU A 94 30.15 -2.24 9.87
C LEU A 94 29.23 -3.35 9.40
N PHE A 95 28.60 -3.14 8.25
CA PHE A 95 27.69 -4.12 7.71
C PHE A 95 27.93 -4.31 6.22
N VAL A 96 28.61 -5.38 5.85
CA VAL A 96 28.90 -5.61 4.45
C VAL A 96 27.70 -6.12 3.67
N VAL A 97 27.46 -5.51 2.51
CA VAL A 97 26.34 -5.89 1.67
C VAL A 97 26.77 -6.55 0.36
N GLU A 98 28.02 -6.38 -0.03
CA GLU A 98 28.49 -6.99 -1.26
C GLU A 98 29.99 -7.11 -1.20
N GLY A 99 30.48 -8.28 -1.61
CA GLY A 99 31.90 -8.54 -1.60
C GLY A 99 32.39 -9.07 -0.26
N GLU A 100 33.71 -9.11 -0.10
CA GLU A 100 34.31 -9.59 1.13
C GLU A 100 35.24 -8.53 1.71
N LEU A 101 35.02 -8.19 2.98
CA LEU A 101 35.85 -7.19 3.65
C LEU A 101 36.72 -7.89 4.67
N SER A 102 37.93 -7.37 4.83
CA SER A 102 38.87 -7.91 5.80
C SER A 102 39.03 -6.89 6.91
N LEU A 103 38.54 -7.24 8.10
CA LEU A 103 38.61 -6.36 9.27
C LEU A 103 39.56 -6.88 10.34
N THR A 104 40.45 -6.02 10.80
CA THR A 104 41.38 -6.39 11.85
C THR A 104 40.88 -5.59 13.06
N LEU A 105 40.19 -6.28 13.96
CA LEU A 105 39.64 -5.64 15.13
C LEU A 105 40.11 -6.30 16.40
N GLN A 106 40.67 -5.51 17.30
CA GLN A 106 41.16 -6.04 18.57
C GLN A 106 42.13 -7.19 18.33
N GLY A 107 43.15 -6.92 17.53
CA GLY A 107 44.15 -7.93 17.22
C GLY A 107 43.56 -9.24 16.76
N GLN A 108 42.48 -9.16 15.99
CA GLN A 108 41.80 -10.34 15.45
C GLN A 108 41.34 -10.03 14.03
N VAL A 109 41.82 -10.79 13.06
CA VAL A 109 41.44 -10.58 11.66
C VAL A 109 40.16 -11.34 11.31
N HIS A 110 39.18 -10.66 10.75
CA HIS A 110 37.93 -11.30 10.38
C HIS A 110 37.65 -11.20 8.90
N ALA A 111 37.26 -12.31 8.30
CA ALA A 111 36.92 -12.33 6.89
C ALA A 111 35.41 -12.15 6.86
N GLN A 113 31.87 -11.65 5.10
CA GLN A 113 31.17 -11.92 3.85
C GLN A 113 29.91 -11.07 3.86
N PRO A 114 29.25 -10.93 2.70
CA PRO A 114 28.03 -10.11 2.72
C PRO A 114 27.12 -10.65 3.82
N GLY A 115 26.63 -9.74 4.66
CA GLY A 115 25.79 -10.11 5.77
C GLY A 115 26.59 -9.92 7.05
N GLY A 116 27.90 -9.78 6.90
CA GLY A 116 28.80 -9.61 8.04
C GLY A 116 28.52 -8.36 8.86
N TYR A 117 28.39 -8.54 10.17
CA TYR A 117 28.10 -7.43 11.08
C TYR A 117 29.25 -7.26 12.08
N ALA A 118 29.73 -6.03 12.22
CA ALA A 118 30.83 -5.77 13.13
C ALA A 118 30.61 -4.53 13.97
N PHE A 119 30.84 -4.65 15.28
CA PHE A 119 30.67 -3.53 16.20
C PHE A 119 32.04 -3.13 16.73
N ILE A 120 32.37 -1.86 16.53
CA ILE A 120 33.66 -1.35 16.94
C ILE A 120 33.40 -0.36 18.04
N PRO A 121 33.96 -0.61 19.24
CA PRO A 121 33.79 0.30 20.39
C PRO A 121 34.63 1.57 20.24
N PRO A 122 34.21 2.65 20.91
CA PRO A 122 34.93 3.93 20.83
C PRO A 122 36.40 3.86 21.16
N GLY A 123 37.21 4.48 20.31
CA GLY A 123 38.64 4.50 20.48
C GLY A 123 39.30 3.17 20.15
N ALA A 124 38.52 2.19 19.74
CA ALA A 124 39.10 0.89 19.42
C ALA A 124 39.94 0.91 18.14
N ASP A 125 41.11 0.29 18.20
CA ASP A 125 41.98 0.24 17.03
C ASP A 125 41.52 -0.86 16.10
N TYR A 126 41.52 -0.55 14.81
CA TYR A 126 41.12 -1.52 13.82
C TYR A 126 41.52 -1.03 12.46
N LYS A 127 41.30 -1.86 11.45
CA LYS A 127 41.60 -1.45 10.11
C LYS A 127 40.88 -2.33 9.13
N VAL A 128 40.58 -1.79 7.95
CA VAL A 128 39.84 -2.53 6.93
C VAL A 128 40.58 -2.61 5.61
N ARG A 129 40.48 -3.75 4.95
CA ARG A 129 41.17 -3.89 3.69
C ARG A 129 40.40 -4.83 2.79
N ASN A 130 40.49 -4.58 1.48
CA ASN A 130 39.82 -5.43 0.50
C ASN A 130 40.89 -6.30 -0.14
N THR A 131 41.05 -7.52 0.38
CA THR A 131 42.07 -8.45 -0.12
C THR A 131 41.62 -9.27 -1.32
N THR A 132 40.42 -9.03 -1.84
CA THR A 132 39.95 -9.80 -2.99
C THR A 132 40.17 -9.05 -4.30
N GLY A 133 39.84 -9.69 -5.41
CA GLY A 133 40.01 -9.08 -6.71
C GLY A 133 38.72 -8.40 -7.15
N GLN A 134 37.70 -8.50 -6.31
CA GLN A 134 36.41 -7.90 -6.59
C GLN A 134 36.11 -6.76 -5.60
N HIS A 135 35.32 -5.78 -6.04
CA HIS A 135 34.97 -4.67 -5.18
C HIS A 135 34.17 -5.15 -3.99
N THR A 136 34.14 -4.33 -2.96
CA THR A 136 33.39 -4.67 -1.76
C THR A 136 32.59 -3.45 -1.34
N ARG A 137 31.42 -3.68 -0.74
CA ARG A 137 30.60 -2.57 -0.33
C ARG A 137 29.99 -2.81 1.02
N PHE A 138 30.14 -1.84 1.91
CA PHE A 138 29.59 -1.96 3.26
C PHE A 138 29.04 -0.65 3.80
N HIS A 139 28.24 -0.77 4.85
CA HIS A 139 27.64 0.38 5.51
C HIS A 139 28.46 0.68 6.75
N TRP A 140 28.67 1.97 7.01
CA TRP A 140 29.45 2.38 8.17
C TRP A 140 28.62 3.39 8.97
N ILE A 141 28.11 2.96 10.10
CA ILE A 141 27.30 3.81 10.94
C ILE A 141 28.11 4.33 12.13
N ARG A 142 28.17 5.64 12.28
CA ARG A 142 28.95 6.27 13.35
C ARG A 142 28.14 7.07 14.35
N LYS A 143 28.66 7.14 15.58
CA LYS A 143 28.03 7.90 16.65
C LYS A 143 29.00 8.12 17.78
N HIS A 144 28.90 9.27 18.43
CA HIS A 144 29.76 9.50 19.56
C HIS A 144 29.16 8.69 20.70
N TYR A 145 29.97 7.80 21.26
CA TYR A 145 29.54 6.95 22.35
C TYR A 145 29.37 7.76 23.61
N GLN A 146 28.34 7.44 24.39
CA GLN A 146 28.10 8.16 25.62
C GLN A 146 28.51 7.30 26.81
N LYS A 147 29.58 7.72 27.47
CA LYS A 147 30.12 7.04 28.63
C LYS A 147 29.32 7.36 29.86
N VAL A 148 29.00 6.32 30.63
CA VAL A 148 28.29 6.52 31.87
C VAL A 148 29.06 5.82 32.98
N ASP A 149 29.35 6.58 34.03
CA ASP A 149 30.08 6.07 35.16
C ASP A 149 29.44 4.85 35.75
N GLY A 150 30.27 3.83 35.95
CA GLY A 150 29.79 2.58 36.52
C GLY A 150 29.50 1.60 35.43
N VAL A 151 29.36 2.09 34.22
CA VAL A 151 29.09 1.20 33.11
C VAL A 151 30.31 1.13 32.23
N PRO A 152 30.85 -0.08 32.04
CA PRO A 152 32.04 -0.28 31.20
C PRO A 152 31.73 -0.21 29.71
N LEU A 153 32.73 0.16 28.93
CA LEU A 153 32.56 0.26 27.48
C LEU A 153 32.12 -1.07 26.88
N PRO A 154 31.37 -1.02 25.79
CA PRO A 154 30.90 -2.24 25.14
C PRO A 154 32.06 -2.93 24.45
N GLU A 155 32.05 -4.26 24.45
CA GLU A 155 33.11 -5.02 23.82
C GLU A 155 32.76 -5.32 22.37
N ALA A 156 33.78 -5.30 21.52
CA ALA A 156 33.61 -5.56 20.10
C ALA A 156 33.17 -6.99 19.86
N PHE A 157 32.78 -7.27 18.62
CA PHE A 157 32.36 -8.59 18.23
C PHE A 157 32.02 -8.55 16.75
N VAL A 158 32.11 -9.71 16.11
CA VAL A 158 31.84 -9.86 14.69
C VAL A 158 30.95 -11.09 14.51
N THR A 159 30.07 -11.03 13.53
CA THR A 159 29.14 -12.12 13.26
C THR A 159 28.42 -11.83 11.95
N ASN A 160 27.44 -12.65 11.61
CA ASN A 160 26.67 -12.47 10.38
C ASN A 160 25.18 -12.60 10.71
N GLU A 161 24.38 -11.66 10.24
CA GLU A 161 22.96 -11.66 10.53
C GLU A 161 22.27 -12.92 10.09
N GLN A 162 22.81 -13.61 9.09
CA GLN A 162 22.21 -14.85 8.59
C GLN A 162 22.34 -15.98 9.61
N ASP A 163 23.14 -15.74 10.65
CA ASP A 163 23.37 -16.72 11.67
C ASP A 163 22.59 -16.37 12.92
N ILE A 164 21.85 -15.27 12.85
CA ILE A 164 21.06 -14.85 14.00
C ILE A 164 19.59 -15.08 13.78
N GLN A 165 18.98 -15.82 14.70
CA GLN A 165 17.56 -16.10 14.57
C GLN A 165 16.77 -14.85 14.96
N PRO A 166 15.98 -14.33 14.01
CA PRO A 166 15.16 -13.14 14.26
C PRO A 166 14.09 -13.33 15.30
N LEU A 167 13.98 -12.36 16.20
CA LEU A 167 13.00 -12.38 17.26
C LEU A 167 11.67 -11.95 16.65
N VAL A 168 10.75 -12.89 16.54
CA VAL A 168 9.44 -12.64 15.95
C VAL A 168 8.52 -11.81 16.84
N PRO A 170 5.33 -10.50 18.68
CA PRO A 170 4.14 -11.22 19.17
C PRO A 170 2.80 -10.79 18.55
N ASP A 171 2.67 -10.91 17.24
CA ASP A 171 1.43 -10.55 16.56
C ASP A 171 1.52 -10.81 15.05
N THR A 172 0.61 -10.19 14.30
CA THR A 172 0.57 -10.34 12.84
C THR A 172 0.94 -11.73 12.34
N GLU A 173 0.50 -12.75 13.07
CA GLU A 173 0.77 -14.13 12.70
C GLU A 173 2.23 -14.43 12.40
N GLY A 174 3.14 -13.80 13.15
CA GLY A 174 4.56 -14.02 12.93
C GLY A 174 5.09 -13.56 11.58
N ARG A 175 4.43 -12.56 10.98
CA ARG A 175 4.82 -12.00 9.69
C ARG A 175 5.76 -10.81 9.88
N TRP A 176 6.15 -10.54 11.11
CA TRP A 176 7.02 -9.41 11.40
C TRP A 176 7.96 -9.82 12.52
N SER A 177 9.25 -9.59 12.32
CA SER A 177 10.26 -9.97 13.30
C SER A 177 11.42 -9.00 13.27
N THR A 178 12.36 -9.16 14.18
CA THR A 178 13.51 -8.28 14.25
C THR A 178 14.78 -9.06 14.60
N THR A 179 15.89 -8.76 13.94
CA THR A 179 17.13 -9.43 14.26
C THR A 179 18.01 -8.45 15.00
N ARG A 180 18.41 -8.81 16.22
CA ARG A 180 19.23 -7.96 17.07
C ARG A 180 20.62 -8.52 17.29
N PHE A 181 21.57 -7.65 17.58
CA PHE A 181 22.95 -8.07 17.77
C PHE A 181 23.45 -7.78 19.16
N VAL A 182 22.55 -7.26 20.00
CA VAL A 182 22.91 -6.92 21.36
C VAL A 182 21.75 -7.18 22.30
N ASP A 183 22.07 -7.63 23.51
CA ASP A 183 21.06 -7.90 24.49
C ASP A 183 20.39 -6.60 24.93
N SER A 185 19.20 -5.75 27.40
CA SER A 185 19.48 -5.37 28.77
C SER A 185 20.90 -4.89 28.96
N ASP A 186 21.74 -5.08 27.94
CA ASP A 186 23.13 -4.67 28.00
C ASP A 186 23.23 -3.14 27.97
N ARG A 188 25.60 -1.32 28.40
CA ARG A 188 26.88 -0.80 27.93
C ARG A 188 26.71 -0.20 26.55
N HIS A 189 25.76 -0.71 25.78
CA HIS A 189 25.51 -0.18 24.45
C HIS A 189 24.54 0.96 24.50
N ASP A 190 24.87 2.03 23.80
CA ASP A 190 24.01 3.19 23.77
C ASP A 190 23.37 3.35 22.39
N HIS A 192 21.60 0.78 18.95
CA HIS A 192 21.30 -0.51 18.38
C HIS A 192 21.20 -0.33 16.88
N VAL A 193 21.72 -1.31 16.15
CA VAL A 193 21.66 -1.32 14.69
C VAL A 193 21.12 -2.72 14.40
N ASN A 194 19.81 -2.82 14.15
CA ASN A 194 19.20 -4.12 13.86
C ASN A 194 18.64 -4.13 12.44
N ILE A 195 17.96 -5.23 12.10
CA ILE A 195 17.34 -5.36 10.80
C ILE A 195 15.90 -5.78 11.05
N VAL A 196 14.96 -4.99 10.55
CA VAL A 196 13.55 -5.30 10.73
C VAL A 196 13.10 -6.15 9.54
N ASN A 197 12.49 -7.30 9.83
CA ASN A 197 12.03 -8.21 8.79
C ASN A 197 10.52 -8.29 8.67
N PHE A 198 10.03 -8.06 7.46
CA PHE A 198 8.60 -8.13 7.16
C PHE A 198 8.34 -9.21 6.12
N GLU A 199 7.53 -10.19 6.51
CA GLU A 199 7.15 -11.27 5.61
C GLU A 199 6.13 -10.71 4.63
N PRO A 200 6.00 -11.31 3.45
CA PRO A 200 5.04 -10.84 2.44
C PRO A 200 3.60 -10.94 2.91
N GLY A 201 3.43 -11.17 4.20
CA GLY A 201 2.11 -11.30 4.77
C GLY A 201 1.14 -10.16 4.53
N GLY A 202 0.54 -9.69 5.62
CA GLY A 202 -0.42 -8.61 5.52
C GLY A 202 0.05 -7.25 5.98
N VAL A 203 -0.88 -6.52 6.59
CA VAL A 203 -0.63 -5.18 7.07
C VAL A 203 0.02 -5.12 8.44
N ILE A 204 0.63 -3.98 8.73
CA ILE A 204 1.27 -3.73 10.01
C ILE A 204 0.92 -2.31 10.44
N PRO A 205 -0.23 -2.14 11.07
CA PRO A 205 -0.72 -0.84 11.54
C PRO A 205 0.22 -0.09 12.46
N PHE A 206 1.04 -0.81 13.22
CA PHE A 206 1.99 -0.15 14.10
C PHE A 206 3.37 -0.76 13.91
N ALA A 207 4.17 -0.15 13.04
CA ALA A 207 5.50 -0.68 12.77
C ALA A 207 6.61 0.13 13.43
N GLU A 208 6.21 1.10 14.24
CA GLU A 208 7.17 1.95 14.94
C GLU A 208 7.91 1.09 15.96
N THR A 209 9.23 1.15 15.94
CA THR A 209 10.03 0.38 16.89
C THR A 209 10.81 1.29 17.80
N HIS A 210 10.80 2.58 17.50
CA HIS A 210 11.52 3.55 18.31
C HIS A 210 10.66 4.78 18.36
N VAL A 211 10.68 5.49 19.49
CA VAL A 211 9.85 6.67 19.62
C VAL A 211 10.57 7.93 19.17
N GLU A 213 13.91 9.88 16.99
CA GLU A 213 14.38 9.82 15.62
C GLU A 213 15.32 8.65 15.34
N HIS A 214 15.23 8.11 14.14
CA HIS A 214 16.09 7.02 13.74
C HIS A 214 15.99 6.80 12.25
N GLY A 215 17.01 6.15 11.68
CA GLY A 215 17.03 5.93 10.25
C GLY A 215 16.64 4.53 9.87
N LEU A 216 16.16 4.41 8.63
CA LEU A 216 15.75 3.13 8.06
C LEU A 216 16.36 3.03 6.67
N TYR A 217 17.02 1.92 6.38
CA TYR A 217 17.61 1.72 5.06
C TYR A 217 17.12 0.38 4.52
N VAL A 218 16.30 0.42 3.48
CA VAL A 218 15.76 -0.80 2.94
C VAL A 218 16.85 -1.65 2.28
N LEU A 219 17.11 -2.82 2.86
CA LEU A 219 18.10 -3.72 2.33
C LEU A 219 17.55 -4.63 1.24
N GLU A 220 16.29 -5.00 1.37
CA GLU A 220 15.69 -5.90 0.41
C GLU A 220 14.18 -5.79 0.35
N GLY A 221 13.63 -5.96 -0.84
CA GLY A 221 12.20 -5.91 -1.00
C GLY A 221 11.61 -4.57 -1.37
N LYS A 222 10.29 -4.55 -1.37
CA LYS A 222 9.53 -3.37 -1.70
C LYS A 222 8.29 -3.41 -0.82
N ALA A 223 7.68 -2.26 -0.60
CA ALA A 223 6.48 -2.21 0.22
C ALA A 223 5.87 -0.82 0.20
N VAL A 224 4.66 -0.72 0.70
CA VAL A 224 3.98 0.56 0.78
C VAL A 224 4.05 0.88 2.25
N TYR A 225 4.90 1.84 2.60
CA TYR A 225 5.10 2.23 3.98
C TYR A 225 4.32 3.49 4.24
N ARG A 226 3.79 3.59 5.45
CA ARG A 226 3.03 4.75 5.84
C ARG A 226 3.85 5.59 6.82
N LEU A 227 4.26 6.78 6.38
CA LEU A 227 5.01 7.67 7.26
C LEU A 227 4.10 8.85 7.58
N ASN A 228 3.60 8.88 8.81
CA ASN A 228 2.72 9.96 9.24
C ASN A 228 1.62 10.36 8.24
N GLN A 229 0.53 9.61 8.18
CA GLN A 229 -0.55 10.00 7.28
C GLN A 229 -0.21 9.95 5.78
N ASP A 230 1.00 9.55 5.43
CA ASP A 230 1.40 9.48 4.03
C ASP A 230 1.94 8.13 3.60
N TRP A 231 1.28 7.49 2.65
CA TRP A 231 1.75 6.21 2.16
C TRP A 231 2.75 6.43 1.03
N VAL A 232 3.90 5.76 1.11
CA VAL A 232 4.91 5.90 0.08
C VAL A 232 5.53 4.55 -0.28
N GLU A 233 5.69 4.29 -1.57
CA GLU A 233 6.29 3.05 -1.99
C GLU A 233 7.79 3.17 -1.77
N VAL A 234 8.38 2.13 -1.22
CA VAL A 234 9.82 2.12 -0.98
C VAL A 234 10.39 0.77 -1.42
N GLU A 235 11.64 0.76 -1.87
CA GLU A 235 12.27 -0.47 -2.31
C GLU A 235 13.72 -0.52 -1.80
N ALA A 236 14.41 -1.63 -2.07
CA ALA A 236 15.80 -1.77 -1.62
C ALA A 236 16.67 -0.62 -2.10
N GLY A 237 17.36 0.02 -1.16
CA GLY A 237 18.22 1.13 -1.52
C GLY A 237 17.66 2.47 -1.06
N ASP A 238 16.35 2.50 -0.78
CA ASP A 238 15.74 3.72 -0.32
C ASP A 238 16.01 3.89 1.17
N PHE A 239 16.10 5.14 1.59
CA PHE A 239 16.35 5.49 2.97
C PHE A 239 15.23 6.38 3.50
N TRP A 241 13.97 8.67 6.92
CA TRP A 241 14.39 9.26 8.17
C TRP A 241 13.18 9.74 8.95
N LEU A 242 13.06 9.28 10.19
CA LEU A 242 11.95 9.66 11.06
C LEU A 242 12.34 10.63 12.17
N ARG A 243 11.53 11.68 12.36
CA ARG A 243 11.76 12.73 13.34
C ARG A 243 11.52 12.42 14.80
N ALA A 244 10.39 11.77 15.09
CA ALA A 244 10.03 11.43 16.46
C ALA A 244 8.51 11.37 16.54
N PHE A 245 8.03 10.30 17.16
CA PHE A 245 6.63 10.07 17.30
C PHE A 245 5.97 9.94 15.95
N CYS A 246 6.76 10.03 14.89
CA CYS A 246 6.23 9.89 13.54
C CYS A 246 5.57 8.52 13.38
N PRO A 247 4.26 8.48 13.10
CA PRO A 247 3.59 7.18 12.94
C PRO A 247 4.21 6.33 11.82
N GLN A 248 4.24 5.02 12.03
CA GLN A 248 4.81 4.10 11.06
C GLN A 248 3.92 2.88 10.83
N ALA A 249 3.46 2.72 9.61
CA ALA A 249 2.62 1.58 9.26
C ALA A 249 3.24 0.96 8.02
N CYS A 250 3.16 -0.34 7.93
CA CYS A 250 3.77 -0.99 6.80
C CYS A 250 2.81 -1.90 6.04
N TYR A 251 3.00 -1.97 4.73
CA TYR A 251 2.15 -2.81 3.91
C TYR A 251 3.06 -3.57 2.96
N SER A 252 3.76 -4.57 3.49
CA SER A 252 4.65 -5.37 2.66
C SER A 252 3.89 -6.46 1.95
N GLY A 253 3.66 -6.26 0.66
CA GLY A 253 2.94 -7.23 -0.14
C GLY A 253 3.81 -7.89 -1.19
N GLY A 254 5.06 -7.45 -1.30
CA GLY A 254 5.97 -8.02 -2.29
C GLY A 254 6.04 -9.54 -2.29
N PRO A 255 6.48 -10.16 -3.39
CA PRO A 255 6.57 -11.62 -3.44
C PRO A 255 7.61 -12.16 -2.46
N GLY A 256 8.69 -11.41 -2.26
CA GLY A 256 9.75 -11.86 -1.36
C GLY A 256 9.73 -11.22 0.03
N ARG A 257 10.86 -11.27 0.72
CA ARG A 257 10.93 -10.69 2.05
C ARG A 257 11.27 -9.20 1.93
N PHE A 258 10.71 -8.39 2.82
CA PHE A 258 10.97 -6.94 2.82
C PHE A 258 11.68 -6.61 4.12
N ARG A 259 12.89 -6.06 4.04
CA ARG A 259 13.59 -5.77 5.28
C ARG A 259 14.52 -4.58 5.22
N TYR A 260 14.72 -3.92 6.35
CA TYR A 260 15.59 -2.78 6.34
C TYR A 260 16.47 -2.66 7.57
N LEU A 261 17.63 -2.08 7.33
CA LEU A 261 18.61 -1.86 8.39
C LEU A 261 18.11 -0.65 9.17
N LEU A 262 18.17 -0.74 10.49
CA LEU A 262 17.71 0.35 11.36
C LEU A 262 18.70 0.66 12.46
N TYR A 263 18.91 1.94 12.71
CA TYR A 263 19.82 2.37 13.77
C TYR A 263 19.18 3.45 14.62
N LYS A 264 19.37 3.33 15.93
CA LYS A 264 18.82 4.27 16.92
C LYS A 264 19.69 4.31 18.18
N ASP A 265 19.56 5.39 18.94
CA ASP A 265 20.30 5.58 20.17
C ASP A 265 19.37 5.24 21.34
N VAL A 266 19.90 4.51 22.32
CA VAL A 266 19.11 4.06 23.46
C VAL A 266 19.87 3.90 24.77
N ASN A 267 19.16 3.44 25.80
CA ASN A 267 19.72 3.19 27.13
C ASN A 267 20.45 4.36 27.72
N ARG A 268 20.03 5.58 27.40
CA ARG A 268 20.69 6.75 27.96
C ARG A 268 19.67 7.86 28.24
N HIS A 269 20.07 8.85 29.05
CA HIS A 269 19.17 9.95 29.36
C HIS A 269 19.04 10.83 28.13
N ARG A 271 19.32 14.17 26.04
CA ARG A 271 20.19 15.34 26.09
C ARG A 271 19.44 16.64 26.38
N LEU A 272 19.83 17.33 27.44
CA LEU A 272 19.18 18.58 27.83
C LEU A 272 20.09 19.79 27.62
N THR A 273 19.54 20.88 27.10
CA THR A 273 20.34 22.09 26.89
C THR A 273 21.08 22.43 28.18
N LEU A 274 22.30 22.93 28.05
CA LEU A 274 23.12 23.28 29.20
C LEU A 274 22.96 24.75 29.57
N ASN A 275 22.80 25.01 30.86
CA ASN A 275 22.64 26.37 31.37
C ASN A 275 23.13 26.45 32.81
N LYS B 3 -18.58 -20.07 -2.88
CA LYS B 3 -19.62 -19.00 -2.82
C LYS B 3 -18.99 -17.71 -2.34
N SER B 4 -19.00 -16.69 -3.19
CA SER B 4 -18.44 -15.40 -2.86
C SER B 4 -19.34 -14.61 -1.91
N SER B 5 -18.72 -13.85 -1.01
CA SER B 5 -19.46 -13.04 -0.05
C SER B 5 -19.36 -11.56 -0.43
N TYR B 6 -20.44 -10.82 -0.19
CA TYR B 6 -20.51 -9.39 -0.52
C TYR B 6 -20.87 -8.59 0.72
N TYR B 7 -20.24 -7.42 0.89
CA TYR B 7 -20.57 -6.57 2.03
C TYR B 7 -21.92 -5.91 1.75
N ALA B 8 -22.70 -5.68 2.80
CA ALA B 8 -23.99 -5.04 2.67
C ALA B 8 -24.21 -4.18 3.90
N PRO B 9 -24.66 -2.92 3.69
CA PRO B 9 -24.91 -1.99 4.78
C PRO B 9 -26.04 -2.47 5.67
N HIS B 10 -25.78 -2.48 6.97
CA HIS B 10 -26.76 -2.90 7.96
C HIS B 10 -27.27 -1.72 8.80
N GLY B 11 -26.38 -0.79 9.14
CA GLY B 11 -26.78 0.36 9.93
C GLY B 11 -26.29 0.25 11.36
N GLY B 12 -27.16 -0.24 12.25
CA GLY B 12 -26.79 -0.38 13.65
C GLY B 12 -26.33 0.92 14.26
N HIS B 13 -25.79 0.84 15.48
CA HIS B 13 -25.30 2.03 16.20
C HIS B 13 -23.83 1.86 16.58
N PRO B 14 -22.92 1.87 15.58
CA PRO B 14 -21.48 1.71 15.80
C PRO B 14 -20.82 2.80 16.68
N ALA B 15 -19.84 2.39 17.47
CA ALA B 15 -19.11 3.30 18.36
C ALA B 15 -17.64 2.89 18.49
N ASP B 22 -11.24 10.50 10.35
CA ASP B 22 -12.11 9.97 9.31
C ASP B 22 -11.37 9.89 7.99
N ARG B 23 -11.82 8.99 7.12
CA ARG B 23 -11.18 8.79 5.82
C ARG B 23 -11.96 9.36 4.63
N ALA B 24 -12.97 10.18 4.90
CA ALA B 24 -13.75 10.79 3.81
C ALA B 24 -12.91 11.83 3.09
N PHE B 26 -12.21 14.36 -0.37
CA PHE B 26 -12.85 15.12 -1.45
C PHE B 26 -11.79 15.98 -2.12
N THR B 27 -11.25 15.52 -3.25
CA THR B 27 -10.23 16.30 -3.97
C THR B 27 -10.79 16.74 -5.32
N GLU B 28 -9.95 17.42 -6.08
CA GLU B 28 -10.34 17.92 -7.38
C GLU B 28 -10.34 16.84 -8.46
N ALA B 29 -9.77 15.68 -8.16
CA ALA B 29 -9.72 14.62 -9.14
C ALA B 29 -10.51 13.39 -8.71
N TYR B 30 -10.72 13.24 -7.41
CA TYR B 30 -11.46 12.09 -6.89
C TYR B 30 -12.11 12.34 -5.53
N ALA B 31 -12.88 11.36 -5.09
CA ALA B 31 -13.56 11.41 -3.81
C ALA B 31 -13.60 10.02 -3.23
N VAL B 32 -13.60 9.94 -1.90
CA VAL B 32 -13.65 8.67 -1.21
C VAL B 32 -14.66 8.79 -0.08
N ILE B 33 -15.69 7.94 -0.11
CA ILE B 33 -16.69 7.97 0.96
C ILE B 33 -16.70 6.62 1.68
N PRO B 34 -16.23 6.60 2.94
CA PRO B 34 -16.18 5.37 3.74
C PRO B 34 -17.57 4.82 4.01
N LYS B 35 -17.62 3.53 4.31
CA LYS B 35 -18.86 2.86 4.60
C LYS B 35 -19.53 3.39 5.87
N GLY B 36 -18.73 3.91 6.80
CA GLY B 36 -19.26 4.45 8.05
C GLY B 36 -20.34 5.50 7.91
N VAL B 37 -20.68 5.86 6.67
CA VAL B 37 -21.69 6.87 6.38
C VAL B 37 -23.07 6.25 6.32
N ARG B 39 -25.60 5.15 7.79
CA ARG B 39 -26.27 5.13 9.10
C ARG B 39 -27.79 5.06 8.97
N ASP B 40 -28.46 4.65 10.04
CA ASP B 40 -29.93 4.55 9.97
C ASP B 40 -30.62 5.89 9.72
N ILE B 41 -30.28 6.90 10.52
CA ILE B 41 -30.88 8.23 10.40
C ILE B 41 -30.50 9.02 9.15
N VAL B 42 -29.94 8.33 8.17
CA VAL B 42 -29.55 9.03 6.96
C VAL B 42 -30.13 8.38 5.71
N THR B 43 -30.90 7.30 5.90
CA THR B 43 -31.52 6.61 4.77
C THR B 43 -32.58 7.44 4.07
N SER B 44 -32.90 7.06 2.83
CA SER B 44 -33.88 7.78 2.02
C SER B 44 -35.12 6.94 1.72
N HIS B 45 -36.07 7.52 1.00
CA HIS B 45 -37.29 6.79 0.67
C HIS B 45 -37.85 7.18 -0.70
N LEU B 46 -38.49 6.24 -1.36
CA LEU B 46 -39.11 6.49 -2.67
C LEU B 46 -40.59 6.14 -2.58
N PRO B 47 -41.43 6.85 -3.34
CA PRO B 47 -42.87 6.63 -3.36
C PRO B 47 -43.21 5.22 -3.80
N PHE B 48 -44.34 4.72 -3.31
CA PHE B 48 -44.81 3.40 -3.69
C PHE B 48 -43.91 2.22 -3.33
N TRP B 49 -43.25 2.29 -2.19
CA TRP B 49 -42.39 1.18 -1.76
C TRP B 49 -42.81 0.75 -0.36
N ASP B 50 -42.87 -0.55 -0.13
CA ASP B 50 -43.28 -1.07 1.17
C ASP B 50 -42.10 -1.63 1.96
N ASN B 51 -42.01 -1.26 3.22
CA ASN B 51 -40.93 -1.73 4.07
C ASN B 51 -39.61 -1.65 3.33
N ARG B 53 -35.84 0.81 2.99
CA ARG B 53 -34.95 1.89 3.38
C ARG B 53 -33.72 1.74 2.49
N TRP B 55 -29.90 3.69 0.82
CA TRP B 55 -28.83 4.66 0.99
C TRP B 55 -28.51 5.17 -0.40
N VAL B 56 -28.44 6.47 -0.56
CA VAL B 56 -28.16 7.02 -1.87
C VAL B 56 -26.69 7.34 -2.03
N ILE B 57 -26.14 7.02 -3.19
CA ILE B 57 -24.76 7.31 -3.48
C ILE B 57 -24.71 7.91 -4.87
N ALA B 58 -24.84 9.22 -4.93
CA ALA B 58 -24.80 9.96 -6.18
C ALA B 58 -24.13 11.30 -5.96
N ARG B 59 -23.75 11.95 -7.04
CA ARG B 59 -23.09 13.26 -6.98
C ARG B 59 -22.01 13.28 -5.90
N PRO B 60 -21.06 12.35 -5.97
CA PRO B 60 -19.98 12.32 -4.96
C PRO B 60 -19.12 13.58 -4.98
N LEU B 61 -18.99 14.15 -6.17
CA LEU B 61 -18.19 15.33 -6.34
C LEU B 61 -18.97 16.28 -7.19
N SER B 62 -18.71 17.56 -7.03
CA SER B 62 -19.45 18.53 -7.82
C SER B 62 -19.07 18.45 -9.28
N GLY B 63 -19.96 18.91 -10.15
CA GLY B 63 -19.65 18.88 -11.57
C GLY B 63 -20.45 17.89 -12.40
N PHE B 64 -19.74 17.10 -13.21
CA PHE B 64 -20.37 16.11 -14.09
C PHE B 64 -20.51 14.76 -13.41
N ALA B 65 -21.53 14.66 -12.55
CA ALA B 65 -21.82 13.46 -11.78
C ALA B 65 -23.34 13.20 -11.71
N GLU B 66 -24.03 13.61 -12.75
CA GLU B 66 -25.48 13.44 -12.81
C GLU B 66 -25.84 12.40 -13.87
N THR B 67 -24.84 11.67 -14.36
CA THR B 67 -25.08 10.64 -15.37
C THR B 67 -25.65 9.37 -14.78
N PHE B 68 -25.14 9.02 -13.60
CA PHE B 68 -25.55 7.82 -12.90
C PHE B 68 -26.15 8.11 -11.53
N SER B 69 -26.88 7.13 -11.05
CA SER B 69 -27.52 7.15 -9.74
C SER B 69 -27.25 5.77 -9.16
N GLN B 70 -27.05 5.68 -7.86
CA GLN B 70 -26.79 4.40 -7.24
C GLN B 70 -27.46 4.32 -5.89
N TYR B 71 -28.29 3.32 -5.66
CA TYR B 71 -28.93 3.17 -4.34
C TYR B 71 -28.62 1.79 -3.78
N ILE B 72 -28.46 1.69 -2.46
CA ILE B 72 -28.24 0.39 -1.84
C ILE B 72 -29.55 0.19 -1.09
N VAL B 73 -30.45 -0.58 -1.72
CA VAL B 73 -31.77 -0.84 -1.20
C VAL B 73 -31.87 -1.97 -0.21
N GLU B 74 -32.59 -1.71 0.87
CA GLU B 74 -32.82 -2.69 1.91
C GLU B 74 -34.31 -2.98 2.00
N LEU B 75 -34.67 -4.24 1.82
CA LEU B 75 -36.08 -4.62 1.90
C LEU B 75 -36.32 -5.50 3.12
N ALA B 76 -37.31 -5.12 3.93
CA ALA B 76 -37.64 -5.92 5.10
C ALA B 76 -38.48 -7.06 4.60
N PRO B 77 -38.59 -8.15 5.38
CA PRO B 77 -39.41 -9.24 4.88
C PRO B 77 -40.75 -8.75 4.32
N ASN B 78 -41.17 -9.37 3.23
CA ASN B 78 -42.43 -9.01 2.58
C ASN B 78 -42.47 -7.55 2.12
N GLY B 79 -41.32 -7.04 1.68
CA GLY B 79 -41.26 -5.68 1.20
C GLY B 79 -40.98 -5.67 -0.28
N GLY B 80 -41.00 -4.48 -0.87
CA GLY B 80 -40.75 -4.35 -2.30
C GLY B 80 -41.65 -3.29 -2.91
N SER B 81 -41.94 -3.43 -4.19
CA SER B 81 -42.80 -2.47 -4.89
C SER B 81 -43.31 -3.00 -6.25
N ASP B 82 -44.50 -2.55 -6.65
CA ASP B 82 -45.09 -2.98 -7.92
C ASP B 82 -44.95 -1.84 -8.93
N LYS B 83 -44.39 -0.73 -8.47
CA LYS B 83 -44.19 0.43 -9.31
C LYS B 83 -42.84 1.04 -8.91
N PRO B 84 -41.77 0.25 -8.94
CA PRO B 84 -40.40 0.64 -8.59
C PRO B 84 -39.79 1.81 -9.35
N GLU B 85 -39.83 1.75 -10.67
CA GLU B 85 -39.25 2.82 -11.48
C GLU B 85 -40.32 3.73 -12.05
N GLN B 86 -40.22 5.03 -11.78
CA GLN B 86 -41.17 5.99 -12.32
C GLN B 86 -40.67 6.59 -13.62
N ASP B 87 -39.36 6.79 -13.72
CA ASP B 87 -38.74 7.37 -14.92
C ASP B 87 -38.74 6.35 -16.06
N PRO B 88 -39.41 6.68 -17.18
CA PRO B 88 -39.50 5.80 -18.36
C PRO B 88 -38.23 5.63 -19.18
N ASN B 89 -37.32 6.59 -19.13
CA ASN B 89 -36.09 6.45 -19.89
C ASN B 89 -34.97 5.95 -18.99
N ALA B 90 -35.32 5.44 -17.81
CA ALA B 90 -34.32 4.94 -16.89
C ALA B 90 -34.04 3.45 -17.08
N GLU B 91 -32.79 3.14 -17.39
CA GLU B 91 -32.35 1.77 -17.56
C GLU B 91 -31.69 1.44 -16.23
N ALA B 92 -31.64 0.17 -15.87
CA ALA B 92 -31.04 -0.15 -14.59
C ALA B 92 -30.35 -1.49 -14.51
N VAL B 93 -29.67 -1.69 -13.39
CA VAL B 93 -29.00 -2.93 -13.13
C VAL B 93 -29.29 -3.25 -11.66
N LEU B 94 -29.61 -4.51 -11.41
CA LEU B 94 -29.91 -4.99 -10.07
C LEU B 94 -28.81 -5.97 -9.65
N PHE B 95 -28.25 -5.75 -8.46
CA PHE B 95 -27.19 -6.61 -7.95
C PHE B 95 -27.44 -6.91 -6.48
N VAL B 96 -27.91 -8.12 -6.22
CA VAL B 96 -28.21 -8.54 -4.86
C VAL B 96 -26.93 -8.86 -4.09
N VAL B 97 -26.79 -8.29 -2.91
CA VAL B 97 -25.63 -8.56 -2.10
C VAL B 97 -25.95 -9.37 -0.85
N GLU B 98 -27.23 -9.52 -0.52
CA GLU B 98 -27.56 -10.29 0.66
C GLU B 98 -29.04 -10.59 0.64
N GLY B 99 -29.38 -11.82 0.99
CA GLY B 99 -30.79 -12.19 1.01
C GLY B 99 -31.24 -12.67 -0.36
N GLU B 100 -32.54 -12.87 -0.51
CA GLU B 100 -33.05 -13.34 -1.79
C GLU B 100 -34.01 -12.28 -2.33
N LEU B 101 -33.96 -12.04 -3.64
CA LEU B 101 -34.86 -11.05 -4.22
C LEU B 101 -35.72 -11.68 -5.30
N SER B 102 -36.98 -11.28 -5.34
CA SER B 102 -37.91 -11.80 -6.32
C SER B 102 -38.17 -10.69 -7.34
N LEU B 103 -37.63 -10.86 -8.54
CA LEU B 103 -37.77 -9.88 -9.60
C LEU B 103 -38.73 -10.39 -10.65
N THR B 104 -39.69 -9.55 -11.02
CA THR B 104 -40.65 -9.93 -12.04
C THR B 104 -40.37 -9.01 -13.22
N LEU B 105 -39.51 -9.48 -14.09
CA LEU B 105 -39.11 -8.71 -15.24
C LEU B 105 -39.78 -9.14 -16.53
N GLN B 106 -40.63 -8.27 -17.07
CA GLN B 106 -41.30 -8.59 -18.33
C GLN B 106 -42.25 -9.78 -18.14
N GLY B 107 -42.90 -9.84 -16.98
CA GLY B 107 -43.81 -10.95 -16.73
C GLY B 107 -43.12 -12.22 -16.26
N GLN B 108 -41.80 -12.25 -16.43
CA GLN B 108 -40.97 -13.40 -16.04
C GLN B 108 -40.49 -13.20 -14.59
N VAL B 109 -40.59 -14.23 -13.77
CA VAL B 109 -40.16 -14.11 -12.37
C VAL B 109 -38.77 -14.73 -12.20
N HIS B 110 -37.97 -14.16 -11.30
CA HIS B 110 -36.63 -14.67 -11.07
C HIS B 110 -36.30 -14.66 -9.59
N ALA B 111 -35.70 -15.74 -9.10
CA ALA B 111 -35.32 -15.80 -7.70
C ALA B 111 -33.84 -15.46 -7.64
N GLN B 113 -30.38 -14.69 -5.86
CA GLN B 113 -29.62 -14.94 -4.65
C GLN B 113 -28.43 -13.97 -4.67
N PRO B 114 -27.69 -13.88 -3.56
CA PRO B 114 -26.53 -13.00 -3.50
C PRO B 114 -25.63 -13.26 -4.71
N GLY B 115 -25.29 -12.19 -5.42
CA GLY B 115 -24.48 -12.34 -6.60
C GLY B 115 -25.39 -12.21 -7.81
N GLY B 116 -26.68 -12.09 -7.57
CA GLY B 116 -27.63 -11.96 -8.66
C GLY B 116 -27.49 -10.63 -9.37
N TYR B 117 -27.43 -10.68 -10.70
CA TYR B 117 -27.29 -9.49 -11.54
C TYR B 117 -28.49 -9.43 -12.48
N ALA B 118 -28.97 -8.24 -12.80
CA ALA B 118 -30.10 -8.14 -13.70
C ALA B 118 -30.10 -6.82 -14.42
N PHE B 119 -30.29 -6.87 -15.73
CA PHE B 119 -30.32 -5.67 -16.52
C PHE B 119 -31.74 -5.39 -16.99
N ILE B 120 -32.26 -4.25 -16.54
CA ILE B 120 -33.59 -3.82 -16.89
C ILE B 120 -33.55 -2.68 -17.90
N PRO B 121 -33.98 -2.93 -19.14
CA PRO B 121 -33.98 -1.87 -20.16
C PRO B 121 -34.99 -0.77 -19.87
N PRO B 122 -34.79 0.43 -20.44
CA PRO B 122 -35.71 1.55 -20.21
C PRO B 122 -37.14 1.24 -20.63
N GLY B 123 -38.09 1.66 -19.81
CA GLY B 123 -39.50 1.43 -20.09
C GLY B 123 -40.02 0.06 -19.69
N ALA B 124 -39.14 -0.94 -19.65
CA ALA B 124 -39.56 -2.29 -19.30
C ALA B 124 -40.38 -2.27 -18.01
N ASP B 125 -41.42 -3.09 -17.96
CA ASP B 125 -42.26 -3.16 -16.76
C ASP B 125 -41.74 -4.28 -15.88
N TYR B 126 -41.41 -3.97 -14.64
CA TYR B 126 -40.94 -5.01 -13.75
C TYR B 126 -41.40 -4.66 -12.35
N LYS B 127 -41.05 -5.52 -11.40
CA LYS B 127 -41.40 -5.30 -10.01
C LYS B 127 -40.65 -6.25 -9.08
N VAL B 128 -40.17 -5.70 -7.96
CA VAL B 128 -39.40 -6.47 -7.01
C VAL B 128 -40.16 -6.68 -5.71
N ARG B 129 -39.81 -7.77 -5.03
CA ARG B 129 -40.47 -8.12 -3.79
C ARG B 129 -39.58 -9.11 -3.03
N ASN B 130 -39.51 -8.95 -1.71
CA ASN B 130 -38.73 -9.85 -0.86
C ASN B 130 -39.78 -10.76 -0.24
N THR B 131 -39.85 -11.99 -0.74
CA THR B 131 -40.83 -12.95 -0.24
C THR B 131 -40.24 -13.85 0.84
N THR B 132 -39.05 -13.54 1.33
CA THR B 132 -38.46 -14.38 2.36
C THR B 132 -38.77 -13.79 3.72
N GLY B 133 -38.35 -14.50 4.77
CA GLY B 133 -38.59 -14.04 6.12
C GLY B 133 -37.35 -13.37 6.67
N GLN B 134 -36.38 -13.15 5.79
CA GLN B 134 -35.11 -12.49 6.15
C GLN B 134 -34.99 -11.20 5.35
N HIS B 135 -34.07 -10.33 5.75
CA HIS B 135 -33.87 -9.07 5.03
C HIS B 135 -33.16 -9.29 3.70
N THR B 136 -33.48 -8.47 2.71
CA THR B 136 -32.83 -8.59 1.42
C THR B 136 -32.20 -7.25 1.06
N ARG B 137 -30.93 -7.29 0.67
CA ARG B 137 -30.21 -6.07 0.32
C ARG B 137 -29.56 -6.14 -1.05
N PHE B 138 -29.84 -5.15 -1.89
CA PHE B 138 -29.30 -5.11 -3.24
C PHE B 138 -28.98 -3.71 -3.73
N HIS B 139 -28.14 -3.66 -4.77
CA HIS B 139 -27.73 -2.42 -5.39
C HIS B 139 -28.63 -2.08 -6.58
N TRP B 140 -28.86 -0.79 -6.78
CA TRP B 140 -29.69 -0.31 -7.87
C TRP B 140 -28.95 0.80 -8.60
N ILE B 141 -28.53 0.51 -9.82
CA ILE B 141 -27.80 1.49 -10.59
C ILE B 141 -28.60 1.91 -11.81
N ARG B 142 -28.99 3.18 -11.87
CA ARG B 142 -29.77 3.66 -13.00
C ARG B 142 -29.10 4.71 -13.88
N LYS B 143 -29.70 4.92 -15.05
CA LYS B 143 -29.18 5.88 -16.01
C LYS B 143 -30.16 6.08 -17.17
N HIS B 144 -30.25 7.30 -17.67
CA HIS B 144 -31.12 7.57 -18.80
C HIS B 144 -30.46 6.98 -20.03
N TYR B 145 -31.06 5.93 -20.57
CA TYR B 145 -30.53 5.27 -21.76
C TYR B 145 -30.44 6.23 -22.94
N GLN B 146 -29.37 6.10 -23.70
CA GLN B 146 -29.16 6.94 -24.86
C GLN B 146 -29.46 6.17 -26.12
N LYS B 147 -30.63 6.44 -26.70
CA LYS B 147 -31.06 5.77 -27.92
C LYS B 147 -30.22 6.25 -29.09
N VAL B 148 -30.15 5.43 -30.13
CA VAL B 148 -29.40 5.78 -31.31
C VAL B 148 -29.97 4.98 -32.48
N ASP B 149 -30.25 5.69 -33.56
CA ASP B 149 -30.82 5.12 -34.77
C ASP B 149 -30.06 3.91 -35.27
N GLY B 150 -30.79 2.87 -35.68
CA GLY B 150 -30.16 1.67 -36.19
C GLY B 150 -29.74 0.71 -35.10
N VAL B 151 -29.56 1.23 -33.90
CA VAL B 151 -29.17 0.40 -32.78
C VAL B 151 -30.40 0.17 -31.93
N PRO B 152 -30.94 -1.06 -31.95
CA PRO B 152 -32.14 -1.40 -31.17
C PRO B 152 -31.88 -1.36 -29.67
N LEU B 153 -32.95 -1.21 -28.88
CA LEU B 153 -32.82 -1.16 -27.42
C LEU B 153 -32.16 -2.45 -26.91
N PRO B 154 -31.45 -2.37 -25.78
CA PRO B 154 -30.80 -3.54 -25.21
C PRO B 154 -31.86 -4.46 -24.61
N GLU B 155 -31.61 -5.77 -24.65
CA GLU B 155 -32.54 -6.75 -24.12
C GLU B 155 -32.21 -7.14 -22.70
N ALA B 156 -33.25 -7.30 -21.90
CA ALA B 156 -33.08 -7.67 -20.50
C ALA B 156 -32.45 -9.03 -20.35
N PHE B 157 -32.02 -9.33 -19.13
CA PHE B 157 -31.44 -10.62 -18.81
C PHE B 157 -31.10 -10.69 -17.33
N VAL B 158 -31.09 -11.91 -16.80
CA VAL B 158 -30.79 -12.11 -15.40
C VAL B 158 -29.80 -13.26 -15.29
N THR B 159 -28.69 -13.01 -14.61
CA THR B 159 -27.68 -14.04 -14.46
C THR B 159 -27.09 -13.88 -13.07
N ASN B 160 -25.94 -14.48 -12.84
CA ASN B 160 -25.26 -14.38 -11.55
C ASN B 160 -23.76 -14.39 -11.78
N GLU B 161 -23.08 -13.39 -11.22
CA GLU B 161 -21.63 -13.25 -11.39
C GLU B 161 -20.86 -14.55 -11.13
N GLN B 162 -21.30 -15.31 -10.14
CA GLN B 162 -20.67 -16.56 -9.78
C GLN B 162 -20.73 -17.56 -10.93
N ASP B 163 -21.48 -17.21 -11.97
CA ASP B 163 -21.65 -18.07 -13.13
C ASP B 163 -20.93 -17.51 -14.36
N ILE B 164 -20.16 -16.44 -14.15
CA ILE B 164 -19.42 -15.80 -15.23
C ILE B 164 -17.93 -15.89 -14.97
N GLN B 165 -17.22 -16.54 -15.88
CA GLN B 165 -15.79 -16.69 -15.76
C GLN B 165 -15.12 -15.34 -16.03
N PRO B 166 -14.45 -14.77 -15.01
CA PRO B 166 -13.77 -13.49 -15.16
C PRO B 166 -12.72 -13.47 -16.27
N LEU B 167 -12.68 -12.36 -16.99
CA LEU B 167 -11.75 -12.15 -18.09
C LEU B 167 -10.46 -11.58 -17.48
N VAL B 168 -9.42 -12.39 -17.52
CA VAL B 168 -8.12 -12.00 -16.96
C VAL B 168 -7.39 -10.91 -17.74
N PRO B 170 -4.57 -8.75 -19.28
CA PRO B 170 -3.25 -9.08 -19.82
C PRO B 170 -2.09 -8.34 -19.15
N ASP B 171 -1.80 -8.68 -17.91
CA ASP B 171 -0.72 -8.02 -17.18
C ASP B 171 -0.68 -8.48 -15.74
N THR B 172 0.11 -7.80 -14.92
CA THR B 172 0.23 -8.14 -13.52
C THR B 172 0.13 -9.64 -13.22
N GLU B 173 0.99 -10.42 -13.85
CA GLU B 173 1.01 -11.86 -13.65
C GLU B 173 -0.39 -12.48 -13.54
N GLY B 174 -1.33 -11.95 -14.31
CA GLY B 174 -2.68 -12.46 -14.28
C GLY B 174 -3.31 -12.46 -12.91
N ARG B 175 -2.99 -11.46 -12.10
CA ARG B 175 -3.54 -11.36 -10.76
C ARG B 175 -4.78 -10.48 -10.79
N TRP B 176 -4.96 -9.77 -11.90
CA TRP B 176 -6.08 -8.86 -12.05
C TRP B 176 -7.01 -9.29 -13.19
N SER B 177 -8.31 -9.29 -12.91
CA SER B 177 -9.32 -9.69 -13.89
C SER B 177 -10.61 -8.88 -13.80
N THR B 178 -11.52 -9.13 -14.74
CA THR B 178 -12.81 -8.43 -14.75
C THR B 178 -13.96 -9.36 -15.11
N THR B 179 -15.11 -9.12 -14.52
CA THR B 179 -16.28 -9.95 -14.82
C THR B 179 -17.31 -9.03 -15.47
N ARG B 180 -17.59 -9.30 -16.75
CA ARG B 180 -18.56 -8.51 -17.51
C ARG B 180 -19.86 -9.25 -17.71
N PHE B 181 -20.90 -8.53 -18.13
CA PHE B 181 -22.21 -9.11 -18.30
C PHE B 181 -22.76 -8.86 -19.69
N VAL B 182 -21.99 -8.15 -20.50
CA VAL B 182 -22.39 -7.80 -21.85
C VAL B 182 -21.19 -7.86 -22.77
N ASP B 183 -21.43 -8.10 -24.05
CA ASP B 183 -20.35 -8.16 -25.03
C ASP B 183 -19.79 -6.77 -25.29
N SER B 185 -18.68 -5.58 -27.89
CA SER B 185 -19.07 -5.03 -29.18
C SER B 185 -20.56 -4.79 -29.27
N ASP B 186 -21.27 -5.01 -28.17
CA ASP B 186 -22.71 -4.81 -28.18
C ASP B 186 -23.09 -3.33 -28.10
N ARG B 188 -25.69 -1.97 -28.34
CA ARG B 188 -27.02 -1.72 -27.80
C ARG B 188 -26.94 -1.16 -26.38
N HIS B 189 -25.87 -1.51 -25.67
CA HIS B 189 -25.67 -1.04 -24.30
C HIS B 189 -24.87 0.23 -24.26
N ASP B 190 -25.26 1.13 -23.37
CA ASP B 190 -24.59 2.41 -23.26
C ASP B 190 -23.95 2.56 -21.89
N HIS B 192 -21.81 -0.02 -18.65
CA HIS B 192 -21.31 -1.31 -18.21
C HIS B 192 -21.26 -1.37 -16.70
N VAL B 193 -21.79 -2.42 -16.13
CA VAL B 193 -21.73 -2.59 -14.69
C VAL B 193 -20.97 -3.91 -14.55
N ASN B 194 -19.67 -3.81 -14.29
CA ASN B 194 -18.81 -4.99 -14.16
C ASN B 194 -18.27 -5.13 -12.75
N ILE B 195 -17.46 -6.18 -12.52
CA ILE B 195 -16.82 -6.41 -11.22
C ILE B 195 -15.35 -6.61 -11.49
N VAL B 196 -14.53 -5.74 -10.93
CA VAL B 196 -13.10 -5.84 -11.11
C VAL B 196 -12.55 -6.67 -9.96
N ASN B 197 -11.78 -7.69 -10.30
CA ASN B 197 -11.22 -8.60 -9.31
C ASN B 197 -9.70 -8.49 -9.19
N PHE B 198 -9.20 -8.55 -7.96
CA PHE B 198 -7.77 -8.47 -7.70
C PHE B 198 -7.33 -9.61 -6.80
N GLU B 199 -6.40 -10.42 -7.27
CA GLU B 199 -5.89 -11.52 -6.47
C GLU B 199 -4.89 -10.93 -5.49
N PRO B 200 -4.68 -11.60 -4.36
CA PRO B 200 -3.73 -11.11 -3.35
C PRO B 200 -2.30 -11.11 -3.85
N GLY B 201 -2.13 -11.06 -5.17
CA GLY B 201 -0.79 -11.05 -5.74
C GLY B 201 0.01 -9.78 -5.45
N GLY B 202 0.54 -9.18 -6.52
CA GLY B 202 1.35 -7.98 -6.36
C GLY B 202 0.72 -6.63 -6.66
N VAL B 203 1.57 -5.70 -7.08
CA VAL B 203 1.17 -4.34 -7.37
C VAL B 203 0.77 -4.10 -8.83
N ILE B 204 -0.38 -3.46 -9.03
CA ILE B 204 -0.84 -3.14 -10.36
C ILE B 204 -0.67 -1.64 -10.56
N PRO B 205 0.39 -1.25 -11.26
CA PRO B 205 0.69 0.16 -11.52
C PRO B 205 -0.39 0.89 -12.30
N PHE B 206 -1.07 0.22 -13.21
CA PHE B 206 -2.12 0.88 -13.99
C PHE B 206 -3.40 0.07 -13.89
N ALA B 207 -4.30 0.52 -13.02
CA ALA B 207 -5.56 -0.17 -12.80
C ALA B 207 -6.76 0.56 -13.39
N GLU B 208 -6.51 1.56 -14.21
CA GLU B 208 -7.60 2.31 -14.80
C GLU B 208 -8.27 1.50 -15.91
N THR B 209 -9.61 1.43 -15.90
CA THR B 209 -10.34 0.69 -16.92
C THR B 209 -11.20 1.63 -17.76
N HIS B 210 -11.38 2.84 -17.28
CA HIS B 210 -12.18 3.83 -17.99
C HIS B 210 -11.44 5.15 -17.88
N VAL B 211 -11.52 5.96 -18.93
CA VAL B 211 -10.85 7.24 -18.97
C VAL B 211 -11.75 8.35 -18.41
N GLU B 213 -15.29 9.76 -16.14
CA GLU B 213 -15.75 9.53 -14.78
C GLU B 213 -16.51 8.21 -14.57
N HIS B 214 -16.27 7.57 -13.43
CA HIS B 214 -16.95 6.34 -13.10
C HIS B 214 -16.83 6.07 -11.60
N GLY B 215 -17.70 5.21 -11.09
CA GLY B 215 -17.69 4.90 -9.68
C GLY B 215 -17.21 3.51 -9.36
N LEU B 216 -16.58 3.37 -8.19
CA LEU B 216 -16.06 2.10 -7.72
C LEU B 216 -16.62 1.81 -6.33
N TYR B 217 -17.21 0.62 -6.16
CA TYR B 217 -17.77 0.24 -4.87
C TYR B 217 -17.18 -1.09 -4.45
N VAL B 218 -16.39 -1.06 -3.39
CA VAL B 218 -15.74 -2.26 -2.91
C VAL B 218 -16.75 -3.26 -2.34
N LEU B 219 -16.67 -4.48 -2.83
CA LEU B 219 -17.58 -5.53 -2.39
C LEU B 219 -16.91 -6.50 -1.44
N GLU B 220 -15.59 -6.59 -1.51
CA GLU B 220 -14.88 -7.54 -0.68
C GLU B 220 -13.41 -7.26 -0.60
N GLY B 221 -12.84 -7.60 0.55
CA GLY B 221 -11.40 -7.43 0.74
C GLY B 221 -10.96 -6.08 1.23
N LYS B 222 -9.65 -5.90 1.21
CA LYS B 222 -9.05 -4.69 1.68
C LYS B 222 -7.90 -4.39 0.74
N ALA B 223 -7.57 -3.13 0.56
CA ALA B 223 -6.47 -2.78 -0.31
C ALA B 223 -6.08 -1.32 -0.23
N VAL B 224 -4.84 -1.03 -0.62
CA VAL B 224 -4.34 0.32 -0.62
C VAL B 224 -4.41 0.78 -2.07
N TYR B 225 -5.42 1.58 -2.38
CA TYR B 225 -5.62 2.09 -3.73
C TYR B 225 -4.88 3.40 -3.89
N ARG B 226 -4.44 3.66 -5.12
CA ARG B 226 -3.71 4.87 -5.44
C ARG B 226 -4.54 5.75 -6.37
N LEU B 227 -5.19 6.75 -5.78
CA LEU B 227 -6.04 7.71 -6.49
C LEU B 227 -5.23 8.96 -6.84
N ASN B 228 -4.73 9.02 -8.07
CA ASN B 228 -3.93 10.16 -8.50
C ASN B 228 -2.87 10.65 -7.51
N GLN B 229 -1.70 10.02 -7.52
CA GLN B 229 -0.63 10.44 -6.62
C GLN B 229 -0.95 10.24 -5.12
N ASP B 230 -2.19 9.91 -4.80
CA ASP B 230 -2.58 9.71 -3.40
C ASP B 230 -2.95 8.26 -3.02
N TRP B 231 -2.25 7.69 -2.04
CA TRP B 231 -2.57 6.33 -1.62
C TRP B 231 -3.57 6.39 -0.47
N VAL B 232 -4.62 5.59 -0.59
CA VAL B 232 -5.67 5.57 0.43
C VAL B 232 -6.18 4.15 0.67
N GLU B 233 -6.34 3.80 1.94
CA GLU B 233 -6.85 2.48 2.29
C GLU B 233 -8.35 2.42 2.05
N VAL B 234 -8.80 1.29 1.51
CA VAL B 234 -10.21 1.08 1.26
C VAL B 234 -10.58 -0.35 1.61
N GLU B 235 -11.85 -0.57 1.93
CA GLU B 235 -12.31 -1.91 2.27
C GLU B 235 -13.74 -2.10 1.80
N ALA B 236 -14.22 -3.34 1.88
CA ALA B 236 -15.59 -3.64 1.48
C ALA B 236 -16.51 -2.59 2.07
N GLY B 237 -17.31 -1.97 1.21
CA GLY B 237 -18.25 -0.97 1.67
C GLY B 237 -17.86 0.45 1.29
N ASP B 238 -16.58 0.66 1.09
CA ASP B 238 -16.17 1.99 0.73
C ASP B 238 -16.51 2.24 -0.74
N PHE B 239 -16.67 3.51 -1.08
CA PHE B 239 -17.00 3.93 -2.44
C PHE B 239 -16.01 4.97 -2.92
N TRP B 241 -15.07 7.67 -6.37
CA TRP B 241 -15.55 8.34 -7.57
C TRP B 241 -14.39 9.07 -8.22
N LEU B 242 -14.16 8.80 -9.50
CA LEU B 242 -13.06 9.44 -10.22
C LEU B 242 -13.56 10.41 -11.28
N ARG B 243 -13.04 11.64 -11.22
CA ARG B 243 -13.44 12.67 -12.18
C ARG B 243 -13.20 12.28 -13.63
N ALA B 244 -11.95 12.08 -14.00
CA ALA B 244 -11.66 11.76 -15.37
C ALA B 244 -10.15 11.79 -15.51
N PHE B 245 -9.59 10.77 -16.16
CA PHE B 245 -8.15 10.70 -16.33
C PHE B 245 -7.49 10.49 -14.98
N CYS B 246 -8.30 10.54 -13.93
CA CYS B 246 -7.79 10.33 -12.57
C CYS B 246 -7.00 9.04 -12.51
N PRO B 247 -5.67 9.13 -12.36
CA PRO B 247 -4.81 7.94 -12.29
C PRO B 247 -5.30 6.90 -11.31
N GLN B 248 -5.06 5.64 -11.64
CA GLN B 248 -5.48 4.55 -10.80
C GLN B 248 -4.44 3.45 -10.61
N ALA B 249 -4.19 3.08 -9.37
CA ALA B 249 -3.24 2.01 -9.05
C ALA B 249 -3.76 1.20 -7.87
N CYS B 250 -3.47 -0.09 -7.87
CA CYS B 250 -3.93 -0.98 -6.81
C CYS B 250 -2.88 -1.90 -6.20
N TYR B 251 -2.85 -1.93 -4.87
CA TYR B 251 -1.92 -2.76 -4.12
C TYR B 251 -2.72 -3.69 -3.20
N SER B 252 -3.23 -4.77 -3.76
CA SER B 252 -4.01 -5.71 -2.98
C SER B 252 -3.07 -6.56 -2.15
N GLY B 253 -3.16 -6.42 -0.84
CA GLY B 253 -2.30 -7.20 0.03
C GLY B 253 -3.15 -8.11 0.92
N GLY B 254 -4.46 -7.86 0.93
CA GLY B 254 -5.34 -8.66 1.74
C GLY B 254 -5.10 -10.14 1.51
N PRO B 255 -5.39 -11.01 2.50
CA PRO B 255 -5.18 -12.44 2.32
C PRO B 255 -6.19 -13.06 1.36
N GLY B 256 -7.31 -12.36 1.16
CA GLY B 256 -8.32 -12.87 0.26
C GLY B 256 -8.40 -12.08 -1.03
N ARG B 257 -9.52 -12.20 -1.73
CA ARG B 257 -9.72 -11.49 -2.98
C ARG B 257 -10.27 -10.08 -2.72
N PHE B 258 -9.81 -9.11 -3.50
CA PHE B 258 -10.24 -7.73 -3.39
C PHE B 258 -11.02 -7.41 -4.66
N ARG B 259 -12.30 -7.06 -4.52
CA ARG B 259 -13.14 -6.75 -5.67
C ARG B 259 -14.10 -5.60 -5.44
N TYR B 260 -14.40 -4.87 -6.50
CA TYR B 260 -15.33 -3.77 -6.40
C TYR B 260 -16.28 -3.67 -7.59
N LEU B 261 -17.52 -3.28 -7.33
CA LEU B 261 -18.52 -3.12 -8.37
C LEU B 261 -18.10 -1.86 -9.13
N LEU B 262 -18.28 -1.83 -10.45
CA LEU B 262 -17.90 -0.68 -11.25
C LEU B 262 -18.91 -0.37 -12.35
N TYR B 263 -19.28 0.90 -12.47
CA TYR B 263 -20.23 1.35 -13.51
C TYR B 263 -19.70 2.56 -14.26
N LYS B 264 -19.94 2.56 -15.57
CA LYS B 264 -19.47 3.63 -16.43
C LYS B 264 -20.31 3.71 -17.71
N ASP B 265 -20.33 4.86 -18.36
CA ASP B 265 -21.08 5.00 -19.60
C ASP B 265 -20.12 4.81 -20.75
N VAL B 266 -20.61 4.19 -21.83
CA VAL B 266 -19.77 3.91 -22.97
C VAL B 266 -20.55 3.78 -24.27
N ASN B 267 -19.82 3.45 -25.33
CA ASN B 267 -20.33 3.24 -26.69
C ASN B 267 -21.16 4.36 -27.27
N ARG B 268 -20.92 5.58 -26.82
CA ARG B 268 -21.69 6.70 -27.32
C ARG B 268 -20.80 7.92 -27.52
N HIS B 269 -21.28 8.93 -28.23
CA HIS B 269 -20.48 10.13 -28.44
C HIS B 269 -20.44 10.90 -27.14
N ARG B 271 -21.11 14.08 -24.84
CA ARG B 271 -22.10 15.15 -24.83
C ARG B 271 -21.51 16.52 -25.14
N LEU B 272 -22.07 17.18 -26.14
CA LEU B 272 -21.60 18.51 -26.53
C LEU B 272 -22.61 19.59 -26.18
N THR B 273 -22.13 20.75 -25.78
CA THR B 273 -23.01 21.85 -25.43
C THR B 273 -23.84 22.22 -26.66
N LEU B 274 -25.15 22.29 -26.48
CA LEU B 274 -26.06 22.63 -27.59
C LEU B 274 -26.11 24.14 -27.85
N ASN B 275 -24.95 24.72 -28.17
CA ASN B 275 -24.88 26.15 -28.45
C ASN B 275 -25.11 26.41 -29.93
#